data_7ZHO
#
_entry.id   7ZHO
#
_cell.length_a   39.442
_cell.length_b   49.424
_cell.length_c   171.138
_cell.angle_alpha   90.000
_cell.angle_beta   90.000
_cell.angle_gamma   90.000
#
_symmetry.space_group_name_H-M   'P 21 21 21'
#
loop_
_entity.id
_entity.type
_entity.pdbx_description
1 polymer 'Tau-tubulin kinase 1'
2 non-polymer 'PHOSPHATE ION'
3 non-polymer 1,2-ETHANEDIOL
4 non-polymer 4-[3-(2-azanylpyrimidin-4-yl)-1~{H}-indol-5-yl]-2-methyl-but-3-yn-2-ol
5 water water
#
_entity_poly.entity_id   1
_entity_poly.type   'polypeptide(L)'
_entity_poly.pdbx_seq_one_letter_code
;MNMSGGGEQADILPANYVVKDRWKVLKKIGGGGFGEIYEAMDLLTRENVALKVESAQQPKQVLKMEVAVLKKLQGKDHVC
RFIGCGRNEKFNYVVMQLQGRNLADLRRSQPRGTFTLSTTLRLGKQILESIEAIHSVGFLHRDIKPSNFAMGRLPSTYRK
CYMLDFGLARQYTNTTGDVRPPRNVAGFRGTVRYASVNAHKNREMGRHDDLWSLFYMLVEFAVGQLPWRKIKDKEQVGMI
KEKYEHRMLLKHMPSEFHLFLDHIASLDYFTKPDYQLIMSVFENSMKERGIAENEAFDWEKAGTDALLS
;
_entity_poly.pdbx_strand_id   A
#
loop_
_chem_comp.id
_chem_comp.type
_chem_comp.name
_chem_comp.formula
EDO non-polymer 1,2-ETHANEDIOL 'C2 H6 O2'
IQR non-polymer 4-[3-(2-azanylpyrimidin-4-yl)-1~{H}-indol-5-yl]-2-methyl-but-3-yn-2-ol 'C17 H16 N4 O'
PO4 non-polymer 'PHOSPHATE ION' 'O4 P -3'
#
# COMPACT_ATOMS: atom_id res chain seq x y z
N ALA A 10 -12.41 21.09 15.46
CA ALA A 10 -11.63 19.82 15.56
C ALA A 10 -11.53 19.19 14.16
N ASP A 11 -12.42 18.26 13.82
CA ASP A 11 -12.51 17.65 12.46
C ASP A 11 -12.83 18.75 11.44
N ILE A 12 -12.50 18.53 10.18
CA ILE A 12 -12.81 19.48 9.09
C ILE A 12 -14.32 19.49 8.83
N LEU A 13 -14.93 18.31 8.61
CA LEU A 13 -16.39 18.12 8.42
C LEU A 13 -17.03 17.59 9.71
N PRO A 14 -18.14 18.20 10.18
CA PRO A 14 -19.02 17.58 11.18
C PRO A 14 -19.75 16.31 10.73
N ALA A 15 -20.11 15.46 11.70
CA ALA A 15 -21.17 14.44 11.61
C ALA A 15 -22.43 15.03 10.93
N ASN A 16 -22.88 14.40 9.84
CA ASN A 16 -24.15 14.67 9.13
C ASN A 16 -23.95 15.79 8.11
N TYR A 17 -22.74 16.36 8.05
CA TYR A 17 -22.34 17.31 6.99
C TYR A 17 -22.58 16.67 5.62
N VAL A 18 -23.23 17.42 4.72
CA VAL A 18 -23.50 17.02 3.32
C VAL A 18 -22.52 17.76 2.43
N VAL A 19 -21.68 17.04 1.69
CA VAL A 19 -20.76 17.64 0.68
C VAL A 19 -21.47 17.64 -0.67
N LYS A 20 -21.46 18.79 -1.34
CA LYS A 20 -22.05 19.02 -2.67
C LYS A 20 -23.44 18.38 -2.75
N ASP A 21 -24.27 18.55 -1.73
CA ASP A 21 -25.69 18.14 -1.74
C ASP A 21 -25.81 16.62 -1.93
N ARG A 22 -24.73 15.86 -1.78
CA ARG A 22 -24.76 14.46 -2.28
C ARG A 22 -24.16 13.48 -1.28
N TRP A 23 -23.03 13.80 -0.64
CA TRP A 23 -22.30 12.84 0.26
C TRP A 23 -22.41 13.30 1.70
N LYS A 24 -23.13 12.53 2.52
CA LYS A 24 -23.47 12.89 3.92
C LYS A 24 -22.57 12.10 4.87
N VAL A 25 -21.78 12.80 5.67
CA VAL A 25 -20.81 12.18 6.63
C VAL A 25 -21.60 11.33 7.61
N LEU A 26 -21.15 10.11 7.85
CA LEU A 26 -21.63 9.26 8.97
C LEU A 26 -20.62 9.29 10.12
N LYS A 27 -19.32 9.13 9.83
CA LYS A 27 -18.25 9.08 10.86
C LYS A 27 -16.86 9.29 10.24
N LYS A 28 -15.88 9.62 11.09
CA LYS A 28 -14.45 9.66 10.75
C LYS A 28 -13.86 8.27 10.95
N ILE A 29 -13.15 7.75 9.94
CA ILE A 29 -12.56 6.37 9.95
C ILE A 29 -11.03 6.46 9.88
N GLY A 30 -10.46 7.67 9.76
CA GLY A 30 -9.01 7.90 9.69
C GLY A 30 -8.65 9.37 9.53
N GLY A 31 -7.38 9.71 9.78
CA GLY A 31 -6.87 11.10 9.73
C GLY A 31 -5.51 11.25 10.41
N GLY A 32 -4.77 12.29 10.02
CA GLY A 32 -3.55 12.78 10.71
C GLY A 32 -3.28 14.23 10.33
N GLY A 33 -2.00 14.65 10.31
CA GLY A 33 -1.59 16.00 9.92
C GLY A 33 -2.12 16.37 8.54
N PHE A 34 -2.25 15.37 7.66
CA PHE A 34 -2.33 15.52 6.18
C PHE A 34 -3.74 16.01 5.76
N GLY A 35 -4.76 15.51 6.44
CA GLY A 35 -6.14 15.39 5.94
C GLY A 35 -6.90 14.35 6.75
N GLU A 36 -8.19 14.16 6.48
CA GLU A 36 -9.04 13.19 7.21
C GLU A 36 -9.88 12.42 6.22
N ILE A 37 -10.29 11.21 6.61
CA ILE A 37 -11.07 10.26 5.79
C ILE A 37 -12.35 9.94 6.55
N TYR A 38 -13.49 10.03 5.87
CA TYR A 38 -14.84 9.80 6.46
C TYR A 38 -15.50 8.67 5.70
N GLU A 39 -16.35 7.89 6.40
CA GLU A 39 -17.42 7.10 5.75
C GLU A 39 -18.62 8.03 5.55
N ALA A 40 -19.16 8.05 4.32
CA ALA A 40 -20.33 8.87 3.92
C ALA A 40 -21.39 8.00 3.25
N MET A 41 -22.68 8.41 3.37
CA MET A 41 -23.80 7.89 2.54
C MET A 41 -23.87 8.73 1.26
N ASP A 42 -23.75 8.07 0.12
CA ASP A 42 -24.04 8.64 -1.21
C ASP A 42 -25.58 8.71 -1.40
N LEU A 43 -26.14 9.91 -1.30
CA LEU A 43 -27.60 10.17 -1.37
C LEU A 43 -28.13 9.89 -2.80
N LEU A 44 -27.28 9.92 -3.81
CA LEU A 44 -27.71 9.58 -5.20
C LEU A 44 -27.82 8.05 -5.35
N THR A 45 -26.77 7.29 -5.01
CA THR A 45 -26.63 5.85 -5.36
C THR A 45 -27.18 4.96 -4.22
N ARG A 46 -27.36 5.52 -3.02
CA ARG A 46 -27.68 4.81 -1.75
C ARG A 46 -26.50 3.89 -1.33
N GLU A 47 -25.27 4.20 -1.72
CA GLU A 47 -24.10 3.36 -1.35
C GLU A 47 -23.21 4.15 -0.39
N ASN A 48 -22.63 3.47 0.60
CA ASN A 48 -21.59 4.05 1.49
C ASN A 48 -20.31 4.22 0.69
N VAL A 49 -19.65 5.35 0.86
CA VAL A 49 -18.42 5.72 0.09
C VAL A 49 -17.38 6.25 1.07
N ALA A 50 -16.12 6.28 0.63
CA ALA A 50 -15.00 6.91 1.36
C ALA A 50 -14.85 8.36 0.88
N LEU A 51 -14.78 9.29 1.81
CA LEU A 51 -14.63 10.73 1.56
C LEU A 51 -13.36 11.20 2.27
N LYS A 52 -12.35 11.63 1.51
CA LYS A 52 -11.06 12.10 2.05
C LYS A 52 -10.97 13.61 1.80
N VAL A 53 -10.62 14.37 2.83
CA VAL A 53 -10.72 15.86 2.84
C VAL A 53 -9.38 16.45 3.32
N GLU A 54 -9.01 17.61 2.78
CA GLU A 54 -7.77 18.34 3.13
C GLU A 54 -8.15 19.83 3.29
N SER A 55 -7.69 20.49 4.36
CA SER A 55 -7.96 21.94 4.61
C SER A 55 -7.42 22.77 3.45
N ALA A 56 -8.25 23.70 2.92
CA ALA A 56 -7.93 24.61 1.79
C ALA A 56 -6.71 25.48 2.12
N GLN A 57 -6.48 25.78 3.41
CA GLN A 57 -5.38 26.68 3.86
C GLN A 57 -4.10 25.86 4.01
N GLN A 58 -4.23 24.63 4.50
CA GLN A 58 -3.10 23.73 4.79
C GLN A 58 -1.92 24.08 3.88
N PRO A 59 -0.68 24.20 4.44
CA PRO A 59 0.42 24.82 3.73
C PRO A 59 0.80 23.93 2.54
N LYS A 60 0.74 22.61 2.75
CA LYS A 60 1.01 21.57 1.72
C LYS A 60 -0.31 21.04 1.16
N GLN A 61 -0.53 21.27 -0.14
CA GLN A 61 -1.72 20.88 -0.93
C GLN A 61 -1.37 19.60 -1.69
N VAL A 62 -1.73 18.46 -1.11
CA VAL A 62 -1.25 17.11 -1.53
C VAL A 62 -2.44 16.32 -2.14
N LEU A 63 -3.68 16.59 -1.71
CA LEU A 63 -4.87 15.87 -2.23
C LEU A 63 -4.94 16.00 -3.75
N LYS A 64 -4.64 17.19 -4.28
CA LYS A 64 -4.64 17.45 -5.74
C LYS A 64 -3.82 16.34 -6.46
N MET A 65 -2.65 16.00 -5.93
CA MET A 65 -1.70 15.04 -6.55
C MET A 65 -2.26 13.60 -6.36
N GLU A 66 -2.84 13.32 -5.19
CA GLU A 66 -3.50 12.02 -4.85
C GLU A 66 -4.60 11.69 -5.84
N VAL A 67 -5.48 12.66 -6.09
CA VAL A 67 -6.59 12.51 -7.07
C VAL A 67 -6.01 12.27 -8.47
N ALA A 68 -4.96 13.02 -8.87
CA ALA A 68 -4.36 12.90 -10.24
C ALA A 68 -3.88 11.45 -10.44
N VAL A 69 -3.19 10.89 -9.45
CA VAL A 69 -2.69 9.48 -9.43
C VAL A 69 -3.88 8.50 -9.53
N LEU A 70 -4.87 8.65 -8.65
CA LEU A 70 -6.07 7.78 -8.60
C LEU A 70 -6.76 7.79 -9.96
N LYS A 71 -6.86 8.96 -10.58
CA LYS A 71 -7.50 9.13 -11.90
C LYS A 71 -6.70 8.40 -12.98
N LYS A 72 -5.38 8.53 -13.00
CA LYS A 72 -4.51 7.85 -13.98
C LYS A 72 -4.71 6.34 -13.91
N LEU A 73 -5.04 5.82 -12.72
CA LEU A 73 -5.01 4.37 -12.44
C LEU A 73 -6.38 3.75 -12.69
N GLN A 74 -7.40 4.57 -13.00
CA GLN A 74 -8.80 4.09 -13.16
C GLN A 74 -8.84 3.08 -14.31
N GLY A 75 -9.39 1.91 -14.05
CA GLY A 75 -9.44 0.81 -15.03
C GLY A 75 -8.45 -0.29 -14.70
N LYS A 76 -7.36 0.01 -13.97
CA LYS A 76 -6.47 -1.04 -13.41
C LYS A 76 -7.27 -1.82 -12.37
N ASP A 77 -6.94 -3.09 -12.15
CA ASP A 77 -7.41 -3.89 -10.98
C ASP A 77 -6.71 -3.34 -9.72
N HIS A 78 -7.31 -3.47 -8.53
CA HIS A 78 -6.65 -3.23 -7.21
C HIS A 78 -6.50 -1.74 -6.96
N VAL A 79 -7.41 -0.96 -7.55
CA VAL A 79 -7.51 0.50 -7.41
C VAL A 79 -8.94 0.82 -7.02
N CYS A 80 -9.13 1.68 -6.02
CA CYS A 80 -10.44 2.26 -5.68
C CYS A 80 -11.01 2.95 -6.90
N ARG A 81 -12.28 2.72 -7.15
CA ARG A 81 -13.09 3.44 -8.14
C ARG A 81 -13.19 4.87 -7.66
N PHE A 82 -12.86 5.80 -8.52
CA PHE A 82 -13.00 7.26 -8.28
C PHE A 82 -14.46 7.62 -8.53
N ILE A 83 -15.02 8.44 -7.66
CA ILE A 83 -16.46 8.83 -7.74
C ILE A 83 -16.58 10.34 -7.98
N GLY A 84 -15.83 11.17 -7.27
CA GLY A 84 -15.84 12.62 -7.53
C GLY A 84 -14.72 13.32 -6.77
N CYS A 85 -14.55 14.61 -7.00
CA CYS A 85 -13.67 15.48 -6.21
C CYS A 85 -14.15 16.90 -6.30
N GLY A 86 -13.64 17.76 -5.43
CA GLY A 86 -13.92 19.19 -5.52
C GLY A 86 -13.13 20.00 -4.53
N ARG A 87 -13.41 21.29 -4.54
CA ARG A 87 -12.60 22.39 -4.00
C ARG A 87 -13.57 23.48 -3.59
N ASN A 88 -13.39 24.08 -2.42
CA ASN A 88 -14.13 25.28 -1.99
C ASN A 88 -13.19 26.09 -1.13
N GLU A 89 -13.70 27.08 -0.41
CA GLU A 89 -12.89 28.00 0.41
C GLU A 89 -12.38 27.27 1.67
N LYS A 90 -13.07 26.21 2.12
CA LYS A 90 -12.80 25.54 3.43
C LYS A 90 -11.98 24.25 3.23
N PHE A 91 -12.24 23.49 2.17
CA PHE A 91 -11.58 22.17 1.98
C PHE A 91 -11.64 21.74 0.53
N ASN A 92 -10.67 20.91 0.17
CA ASN A 92 -10.66 20.04 -1.02
C ASN A 92 -11.07 18.64 -0.56
N TYR A 93 -11.64 17.82 -1.44
CA TYR A 93 -12.15 16.46 -1.11
C TYR A 93 -12.10 15.55 -2.32
N VAL A 94 -12.10 14.25 -2.06
CA VAL A 94 -12.19 13.16 -3.09
C VAL A 94 -13.16 12.11 -2.57
N VAL A 95 -14.04 11.63 -3.41
CA VAL A 95 -15.00 10.56 -3.07
C VAL A 95 -14.56 9.31 -3.82
N MET A 96 -14.36 8.20 -3.11
CA MET A 96 -13.99 6.92 -3.74
C MET A 96 -14.84 5.79 -3.16
N GLN A 97 -14.88 4.68 -3.86
CA GLN A 97 -15.60 3.46 -3.45
C GLN A 97 -15.07 3.04 -2.07
N LEU A 98 -15.95 2.66 -1.16
CA LEU A 98 -15.59 2.24 0.22
C LEU A 98 -15.12 0.78 0.19
N GLN A 99 -13.96 0.50 0.77
CA GLN A 99 -13.42 -0.88 0.86
C GLN A 99 -13.62 -1.39 2.28
N GLY A 100 -13.31 -2.66 2.53
CA GLY A 100 -13.37 -3.22 3.88
C GLY A 100 -12.06 -3.05 4.62
N ARG A 101 -11.69 -4.06 5.40
CA ARG A 101 -10.63 -4.01 6.45
C ARG A 101 -9.26 -4.04 5.81
N ASN A 102 -8.32 -3.26 6.37
CA ASN A 102 -6.92 -3.22 5.91
C ASN A 102 -6.16 -4.46 6.43
N LEU A 103 -5.01 -4.77 5.83
CA LEU A 103 -4.25 -6.02 6.11
C LEU A 103 -3.58 -5.98 7.51
N ALA A 104 -3.29 -4.80 8.06
CA ALA A 104 -2.71 -4.69 9.43
C ALA A 104 -3.78 -5.11 10.45
N ASP A 105 -4.99 -4.56 10.31
CA ASP A 105 -6.18 -4.97 11.07
C ASP A 105 -6.40 -6.49 10.90
N LEU A 106 -6.37 -7.03 9.68
CA LEU A 106 -6.66 -8.48 9.49
C LEU A 106 -5.50 -9.32 10.08
N ARG A 107 -4.24 -8.88 9.98
CA ARG A 107 -3.08 -9.66 10.49
C ARG A 107 -3.18 -9.74 12.03
N ARG A 108 -3.55 -8.64 12.69
CA ARG A 108 -3.61 -8.55 14.17
C ARG A 108 -4.80 -9.34 14.69
N SER A 109 -5.80 -9.60 13.86
CA SER A 109 -6.96 -10.45 14.19
C SER A 109 -6.57 -11.94 14.15
N GLN A 110 -5.47 -12.30 13.47
CA GLN A 110 -5.05 -13.72 13.34
C GLN A 110 -4.48 -14.17 14.68
N PRO A 111 -4.80 -15.39 15.12
CA PRO A 111 -4.39 -15.89 16.43
C PRO A 111 -2.95 -15.51 16.86
N ARG A 112 -1.99 -15.60 15.93
CA ARG A 112 -0.57 -15.39 16.25
C ARG A 112 -0.01 -14.24 15.45
N GLY A 113 -0.87 -13.40 14.88
CA GLY A 113 -0.40 -12.28 14.04
C GLY A 113 0.29 -12.79 12.78
N THR A 114 -0.01 -14.01 12.34
CA THR A 114 0.59 -14.64 11.14
C THR A 114 -0.54 -15.05 10.19
N PHE A 115 -0.33 -14.85 8.90
CA PHE A 115 -1.15 -15.45 7.82
C PHE A 115 -0.53 -16.78 7.41
N THR A 116 -1.31 -17.67 6.85
CA THR A 116 -0.85 -18.89 6.14
C THR A 116 0.02 -18.46 4.95
N LEU A 117 0.79 -19.39 4.42
CA LEU A 117 1.55 -19.15 3.17
C LEU A 117 0.55 -18.87 2.06
N SER A 118 -0.51 -19.65 2.01
CA SER A 118 -1.64 -19.46 1.07
C SER A 118 -2.11 -17.99 1.04
N THR A 119 -2.50 -17.43 2.17
CA THR A 119 -2.95 -16.00 2.24
C THR A 119 -1.78 -15.06 1.87
N THR A 120 -0.58 -15.30 2.43
CA THR A 120 0.60 -14.44 2.24
C THR A 120 0.95 -14.33 0.76
N LEU A 121 1.06 -15.46 0.06
CA LEU A 121 1.51 -15.52 -1.34
C LEU A 121 0.46 -14.85 -2.22
N ARG A 122 -0.84 -15.14 -1.97
CA ARG A 122 -1.94 -14.65 -2.83
C ARG A 122 -2.10 -13.12 -2.65
N LEU A 123 -1.91 -12.59 -1.45
CA LEU A 123 -1.90 -11.12 -1.23
C LEU A 123 -0.67 -10.50 -1.92
N GLY A 124 0.46 -11.19 -1.88
CA GLY A 124 1.71 -10.77 -2.54
C GLY A 124 1.52 -10.51 -4.02
N LYS A 125 0.89 -11.43 -4.75
CA LYS A 125 0.61 -11.27 -6.19
C LYS A 125 -0.20 -9.98 -6.42
N GLN A 126 -1.14 -9.68 -5.54
CA GLN A 126 -2.10 -8.57 -5.74
C GLN A 126 -1.38 -7.25 -5.48
N ILE A 127 -0.60 -7.20 -4.42
CA ILE A 127 0.16 -5.98 -3.99
C ILE A 127 1.24 -5.70 -5.03
N LEU A 128 1.94 -6.73 -5.50
CA LEU A 128 2.89 -6.64 -6.61
C LEU A 128 2.21 -5.97 -7.83
N GLU A 129 1.01 -6.42 -8.19
CA GLU A 129 0.28 -5.92 -9.37
C GLU A 129 -0.01 -4.44 -9.17
N SER A 130 -0.39 -4.04 -7.95
CA SER A 130 -0.73 -2.63 -7.63
CA SER A 130 -0.71 -2.63 -7.60
C SER A 130 0.53 -1.77 -7.69
N ILE A 131 1.66 -2.28 -7.20
CA ILE A 131 2.95 -1.53 -7.21
C ILE A 131 3.35 -1.29 -8.66
N GLU A 132 3.33 -2.33 -9.53
CA GLU A 132 3.70 -2.16 -10.95
C GLU A 132 2.77 -1.10 -11.58
N ALA A 133 1.47 -1.20 -11.29
CA ALA A 133 0.46 -0.29 -11.84
C ALA A 133 0.83 1.17 -11.49
N ILE A 134 1.07 1.50 -10.22
CA ILE A 134 1.36 2.92 -9.86
C ILE A 134 2.70 3.32 -10.51
N HIS A 135 3.68 2.42 -10.57
CA HIS A 135 4.98 2.67 -11.25
C HIS A 135 4.73 2.93 -12.75
N SER A 136 3.73 2.27 -13.35
CA SER A 136 3.44 2.30 -14.81
C SER A 136 2.84 3.65 -15.20
N VAL A 137 2.33 4.44 -14.24
CA VAL A 137 1.83 5.81 -14.55
C VAL A 137 2.81 6.87 -14.01
N GLY A 138 4.05 6.48 -13.67
CA GLY A 138 5.15 7.44 -13.41
C GLY A 138 5.26 7.84 -11.94
N PHE A 139 4.71 7.05 -11.01
CA PHE A 139 4.67 7.42 -9.57
C PHE A 139 5.22 6.29 -8.69
N LEU A 140 5.94 6.69 -7.66
CA LEU A 140 6.29 5.81 -6.51
C LEU A 140 5.23 6.01 -5.42
N HIS A 141 4.84 4.93 -4.73
CA HIS A 141 3.97 5.00 -3.52
C HIS A 141 4.76 5.60 -2.37
N ARG A 142 5.90 4.97 -2.07
CA ARG A 142 6.91 5.40 -1.06
C ARG A 142 6.45 5.08 0.37
N ASP A 143 5.24 4.56 0.59
CA ASP A 143 4.84 4.13 1.97
C ASP A 143 4.05 2.81 1.89
N ILE A 144 4.58 1.83 1.20
CA ILE A 144 3.97 0.49 1.09
C ILE A 144 4.04 -0.14 2.48
N LYS A 145 2.89 -0.54 3.00
CA LYS A 145 2.72 -1.17 4.33
C LYS A 145 1.32 -1.81 4.38
N PRO A 146 1.07 -2.71 5.32
CA PRO A 146 -0.18 -3.47 5.33
C PRO A 146 -1.45 -2.61 5.53
N SER A 147 -1.40 -1.52 6.31
CA SER A 147 -2.57 -0.65 6.54
C SER A 147 -2.92 0.14 5.27
N ASN A 148 -2.06 0.14 4.24
CA ASN A 148 -2.36 0.86 2.96
C ASN A 148 -2.94 -0.10 1.91
N PHE A 149 -3.31 -1.33 2.30
CA PHE A 149 -4.09 -2.26 1.47
C PHE A 149 -5.35 -2.71 2.22
N ALA A 150 -6.47 -2.69 1.51
CA ALA A 150 -7.81 -3.01 2.06
C ALA A 150 -8.47 -4.05 1.18
N MET A 151 -9.10 -5.06 1.77
CA MET A 151 -9.93 -6.04 1.02
C MET A 151 -11.22 -5.32 0.63
N GLY A 152 -11.79 -5.63 -0.52
CA GLY A 152 -13.15 -5.21 -0.93
C GLY A 152 -14.21 -5.68 0.05
N ARG A 153 -15.43 -5.16 -0.06
CA ARG A 153 -16.53 -5.43 0.93
C ARG A 153 -17.76 -5.97 0.20
N LEU A 154 -17.67 -6.25 -1.10
CA LEU A 154 -18.82 -6.68 -1.96
C LEU A 154 -18.59 -8.13 -2.39
N PRO A 155 -19.62 -8.86 -2.84
CA PRO A 155 -19.43 -10.24 -3.28
C PRO A 155 -18.48 -10.33 -4.48
N SER A 156 -18.36 -9.25 -5.26
CA SER A 156 -17.50 -9.20 -6.47
C SER A 156 -16.07 -8.73 -6.12
N THR A 157 -15.82 -8.27 -4.89
CA THR A 157 -14.55 -7.58 -4.53
C THR A 157 -13.91 -8.14 -3.26
N TYR A 158 -14.57 -8.96 -2.46
CA TYR A 158 -14.09 -9.26 -1.08
C TYR A 158 -12.81 -10.11 -1.12
N ARG A 159 -12.44 -10.66 -2.28
CA ARG A 159 -11.19 -11.44 -2.46
C ARG A 159 -10.16 -10.58 -3.21
N LYS A 160 -10.45 -9.29 -3.35
CA LYS A 160 -9.54 -8.32 -3.98
C LYS A 160 -8.99 -7.40 -2.91
N CYS A 161 -7.71 -7.15 -3.05
CA CYS A 161 -6.85 -6.26 -2.30
C CYS A 161 -6.62 -4.96 -3.08
N TYR A 162 -6.84 -3.80 -2.45
CA TYR A 162 -6.85 -2.45 -3.09
C TYR A 162 -5.82 -1.56 -2.37
N MET A 163 -5.01 -0.88 -3.16
CA MET A 163 -3.96 0.04 -2.69
C MET A 163 -4.59 1.39 -2.33
N LEU A 164 -4.26 1.89 -1.15
CA LEU A 164 -4.77 3.17 -0.60
C LEU A 164 -3.61 4.14 -0.36
N ASP A 165 -3.96 5.41 -0.17
CA ASP A 165 -3.16 6.49 0.44
C ASP A 165 -1.93 6.81 -0.42
N PHE A 166 -2.09 7.73 -1.35
CA PHE A 166 -1.05 8.23 -2.25
C PHE A 166 -0.48 9.53 -1.68
N GLY A 167 -0.73 9.82 -0.41
CA GLY A 167 -0.30 11.06 0.28
C GLY A 167 1.24 11.22 0.28
N LEU A 168 2.03 10.14 0.18
CA LEU A 168 3.51 10.31 0.15
C LEU A 168 4.09 9.96 -1.25
N ALA A 169 3.24 9.81 -2.25
CA ALA A 169 3.69 9.44 -3.61
C ALA A 169 4.54 10.57 -4.18
N ARG A 170 5.41 10.23 -5.13
CA ARG A 170 6.18 11.21 -5.95
C ARG A 170 6.30 10.72 -7.39
N GLN A 171 6.10 11.63 -8.35
CA GLN A 171 6.39 11.36 -9.77
C GLN A 171 7.90 11.19 -9.92
N TYR A 172 8.35 10.05 -10.44
CA TYR A 172 9.79 9.76 -10.66
C TYR A 172 10.19 10.09 -12.12
N THR A 173 9.22 10.38 -12.99
CA THR A 173 9.49 10.79 -14.40
C THR A 173 9.31 12.30 -14.58
N ASN A 174 9.87 12.89 -15.64
CA ASN A 174 9.55 14.27 -16.09
C ASN A 174 8.27 14.19 -16.93
N THR A 175 7.83 15.33 -17.47
CA THR A 175 6.53 15.53 -18.19
C THR A 175 6.54 14.78 -19.55
N THR A 176 7.70 14.24 -19.97
CA THR A 176 7.90 13.57 -21.29
C THR A 176 8.38 12.11 -21.12
N GLY A 177 8.32 11.55 -19.90
CA GLY A 177 8.42 10.09 -19.69
C GLY A 177 9.80 9.61 -19.26
N ASP A 178 10.79 10.50 -19.24
CA ASP A 178 12.18 10.18 -18.81
C ASP A 178 12.24 10.07 -17.26
N VAL A 179 13.15 9.23 -16.76
CA VAL A 179 13.50 9.17 -15.33
C VAL A 179 14.16 10.49 -14.92
N ARG A 180 13.58 11.16 -13.94
CA ARG A 180 14.11 12.43 -13.43
C ARG A 180 15.34 12.14 -12.55
N PRO A 181 16.31 13.10 -12.54
CA PRO A 181 17.48 13.00 -11.69
C PRO A 181 17.12 12.88 -10.22
N PRO A 182 17.78 11.96 -9.48
CA PRO A 182 17.58 11.83 -8.04
C PRO A 182 18.17 13.03 -7.32
N ARG A 183 17.55 13.49 -6.26
CA ARG A 183 18.19 14.49 -5.38
C ARG A 183 19.36 13.77 -4.69
N ASN A 184 20.45 14.48 -4.38
CA ASN A 184 21.63 13.89 -3.71
C ASN A 184 21.25 13.46 -2.29
N VAL A 185 20.40 14.25 -1.62
CA VAL A 185 19.77 13.91 -0.31
C VAL A 185 18.24 14.10 -0.45
N ALA A 186 17.48 13.13 -0.02
CA ALA A 186 16.00 13.13 0.04
C ALA A 186 15.57 12.59 1.40
N GLY A 187 15.01 13.46 2.23
CA GLY A 187 14.59 13.13 3.58
C GLY A 187 13.44 12.13 3.57
N PHE A 188 13.67 10.94 4.05
CA PHE A 188 12.67 9.88 4.05
C PHE A 188 11.60 10.19 5.12
N ARG A 189 10.32 10.16 4.76
CA ARG A 189 9.25 10.52 5.74
C ARG A 189 8.16 9.46 5.75
N GLY A 190 8.46 8.25 5.25
CA GLY A 190 7.54 7.10 5.32
C GLY A 190 7.64 6.37 6.65
N THR A 191 6.96 5.23 6.74
CA THR A 191 6.86 4.37 7.95
C THR A 191 8.19 3.64 8.17
N VAL A 192 8.72 3.67 9.37
CA VAL A 192 10.06 3.11 9.69
C VAL A 192 10.08 1.62 9.34
N ARG A 193 9.08 0.85 9.75
CA ARG A 193 9.24 -0.62 9.92
C ARG A 193 9.55 -1.26 8.56
N TYR A 194 8.94 -0.78 7.48
CA TYR A 194 9.00 -1.41 6.11
C TYR A 194 9.92 -0.60 5.16
N ALA A 195 10.64 0.41 5.64
CA ALA A 195 11.50 1.28 4.78
C ALA A 195 12.78 0.52 4.40
N SER A 196 13.16 0.61 3.13
CA SER A 196 14.41 0.08 2.56
C SER A 196 15.65 0.74 3.23
N VAL A 197 16.78 0.05 3.20
CA VAL A 197 18.08 0.62 3.67
C VAL A 197 18.35 1.96 2.93
N ASN A 198 18.00 2.07 1.64
CA ASN A 198 18.23 3.32 0.85
C ASN A 198 17.45 4.49 1.44
N ALA A 199 16.17 4.28 1.74
CA ALA A 199 15.28 5.26 2.42
C ALA A 199 15.92 5.70 3.73
N HIS A 200 16.41 4.74 4.50
CA HIS A 200 17.06 4.99 5.82
C HIS A 200 18.29 5.89 5.66
N LYS A 201 18.96 5.82 4.51
CA LYS A 201 20.20 6.62 4.23
C LYS A 201 19.84 7.98 3.64
N ASN A 202 18.54 8.25 3.47
CA ASN A 202 18.02 9.55 2.96
C ASN A 202 18.48 9.74 1.52
N ARG A 203 18.42 8.65 0.77
CA ARG A 203 18.63 8.57 -0.68
C ARG A 203 17.29 8.78 -1.35
N GLU A 204 17.31 9.30 -2.58
CA GLU A 204 16.13 9.34 -3.43
C GLU A 204 15.60 7.91 -3.62
N MET A 205 14.32 7.75 -3.41
CA MET A 205 13.62 6.46 -3.45
C MET A 205 13.34 6.13 -4.88
N GLY A 206 13.44 4.86 -5.23
CA GLY A 206 13.09 4.34 -6.53
C GLY A 206 12.03 3.26 -6.45
N ARG A 207 11.69 2.69 -7.59
CA ARG A 207 10.67 1.64 -7.72
C ARG A 207 11.09 0.46 -6.80
N HIS A 208 12.40 0.24 -6.66
CA HIS A 208 12.96 -0.89 -5.91
C HIS A 208 12.61 -0.73 -4.43
N ASP A 209 12.51 0.48 -3.94
CA ASP A 209 12.26 0.75 -2.52
C ASP A 209 10.81 0.37 -2.17
N ASP A 210 9.85 0.54 -3.10
CA ASP A 210 8.45 0.04 -2.95
C ASP A 210 8.50 -1.50 -2.84
N LEU A 211 9.38 -2.14 -3.59
CA LEU A 211 9.46 -3.63 -3.65
C LEU A 211 10.17 -4.19 -2.41
N TRP A 212 11.09 -3.41 -1.80
CA TRP A 212 11.67 -3.74 -0.46
C TRP A 212 10.55 -3.76 0.58
N SER A 213 9.74 -2.72 0.61
CA SER A 213 8.60 -2.62 1.56
C SER A 213 7.71 -3.85 1.40
N LEU A 214 7.43 -4.27 0.16
CA LEU A 214 6.66 -5.49 -0.13
C LEU A 214 7.41 -6.71 0.44
N PHE A 215 8.73 -6.78 0.25
CA PHE A 215 9.54 -7.93 0.73
C PHE A 215 9.34 -8.08 2.25
N TYR A 216 9.51 -7.00 2.99
CA TYR A 216 9.44 -6.95 4.46
C TYR A 216 8.00 -7.28 4.91
N MET A 217 6.99 -6.76 4.23
CA MET A 217 5.55 -7.05 4.57
C MET A 217 5.31 -8.55 4.49
N LEU A 218 5.70 -9.18 3.39
CA LEU A 218 5.43 -10.64 3.17
C LEU A 218 6.14 -11.50 4.23
N VAL A 219 7.39 -11.22 4.56
CA VAL A 219 8.10 -11.90 5.67
C VAL A 219 7.25 -11.77 6.93
N GLU A 220 6.89 -10.54 7.28
CA GLU A 220 6.13 -10.22 8.51
C GLU A 220 4.79 -10.94 8.49
N PHE A 221 4.08 -10.97 7.37
CA PHE A 221 2.83 -11.77 7.22
C PHE A 221 3.10 -13.25 7.56
N ALA A 222 4.15 -13.85 6.99
CA ALA A 222 4.33 -15.32 7.01
C ALA A 222 4.88 -15.75 8.37
N VAL A 223 5.66 -14.89 9.03
CA VAL A 223 6.53 -15.21 10.20
C VAL A 223 5.91 -14.60 11.46
N GLY A 224 5.17 -13.51 11.32
CA GLY A 224 4.48 -12.81 12.42
C GLY A 224 5.23 -11.59 12.91
N GLN A 225 6.48 -11.38 12.48
CA GLN A 225 7.30 -10.28 13.02
C GLN A 225 8.51 -10.03 12.13
N LEU A 226 9.08 -8.83 12.24
CA LEU A 226 10.42 -8.46 11.74
C LEU A 226 11.35 -8.26 12.92
N PRO A 227 12.66 -8.52 12.77
CA PRO A 227 13.57 -8.54 13.93
C PRO A 227 13.61 -7.19 14.68
N TRP A 228 13.35 -6.08 13.98
CA TRP A 228 13.41 -4.70 14.52
C TRP A 228 12.00 -4.19 14.95
N ARG A 229 11.00 -5.06 15.10
CA ARG A 229 9.59 -4.61 15.30
C ARG A 229 9.44 -3.73 16.56
N LYS A 230 10.23 -3.94 17.62
CA LYS A 230 10.07 -3.23 18.93
C LYS A 230 10.89 -1.93 18.96
N ILE A 231 11.50 -1.53 17.84
CA ILE A 231 12.36 -0.32 17.77
C ILE A 231 11.68 0.70 16.87
N LYS A 232 11.36 1.86 17.43
CA LYS A 232 10.60 2.92 16.72
C LYS A 232 11.57 3.97 16.14
N ASP A 233 12.77 4.12 16.72
CA ASP A 233 13.78 5.12 16.28
C ASP A 233 14.18 4.84 14.83
N LYS A 234 13.93 5.81 13.96
CA LYS A 234 14.31 5.73 12.53
C LYS A 234 15.80 5.31 12.42
N GLU A 235 16.71 6.02 13.05
CA GLU A 235 18.17 5.79 12.84
C GLU A 235 18.59 4.39 13.35
N GLN A 236 18.12 3.97 14.53
CA GLN A 236 18.46 2.64 15.11
C GLN A 236 17.98 1.54 14.15
N VAL A 237 16.77 1.66 13.60
CA VAL A 237 16.20 0.63 12.71
C VAL A 237 17.03 0.55 11.43
N GLY A 238 17.43 1.68 10.84
CA GLY A 238 18.28 1.69 9.62
C GLY A 238 19.61 0.94 9.88
N MET A 239 20.20 1.16 11.04
CA MET A 239 21.49 0.54 11.47
C MET A 239 21.31 -0.97 11.69
N ILE A 240 20.13 -1.42 12.11
CA ILE A 240 19.83 -2.85 12.29
C ILE A 240 19.66 -3.48 10.93
N LYS A 241 18.89 -2.87 10.04
CA LYS A 241 18.63 -3.43 8.69
C LYS A 241 19.96 -3.52 7.93
N GLU A 242 20.77 -2.46 8.01
CA GLU A 242 22.02 -2.33 7.24
C GLU A 242 22.92 -3.54 7.50
N LYS A 243 22.96 -4.02 8.73
CA LYS A 243 23.83 -5.13 9.15
C LYS A 243 23.11 -6.47 8.94
N TYR A 244 21.76 -6.49 9.00
CA TYR A 244 20.99 -7.75 9.15
C TYR A 244 21.28 -8.61 7.92
N GLU A 245 21.59 -9.88 8.15
CA GLU A 245 21.81 -10.89 7.08
C GLU A 245 20.44 -11.34 6.58
N HIS A 246 19.97 -10.72 5.48
CA HIS A 246 18.57 -10.81 4.97
C HIS A 246 18.22 -12.26 4.57
N ARG A 247 19.19 -13.09 4.21
CA ARG A 247 18.88 -14.47 3.76
C ARG A 247 18.29 -15.20 4.97
N MET A 248 18.51 -14.65 6.16
CA MET A 248 18.07 -15.23 7.45
C MET A 248 16.58 -14.92 7.67
N LEU A 249 16.06 -13.86 7.03
CA LEU A 249 14.61 -13.53 7.04
C LEU A 249 13.82 -14.65 6.37
N LEU A 250 14.48 -15.45 5.51
CA LEU A 250 13.84 -16.44 4.59
C LEU A 250 13.96 -17.87 5.14
N LYS A 251 14.48 -18.02 6.37
CA LYS A 251 14.79 -19.34 6.99
C LYS A 251 13.53 -20.22 6.93
N HIS A 252 12.37 -19.61 7.17
CA HIS A 252 11.04 -20.27 7.25
C HIS A 252 10.15 -19.78 6.12
N MET A 253 10.73 -19.18 5.07
CA MET A 253 10.01 -18.73 3.86
C MET A 253 10.31 -19.71 2.73
N PRO A 254 9.50 -19.76 1.66
CA PRO A 254 9.84 -20.54 0.47
C PRO A 254 11.19 -20.12 -0.12
N SER A 255 12.01 -21.10 -0.55
CA SER A 255 13.38 -20.93 -1.09
C SER A 255 13.38 -20.01 -2.33
N GLU A 256 12.26 -19.88 -3.02
CA GLU A 256 12.15 -19.00 -4.20
C GLU A 256 12.35 -17.55 -3.79
N PHE A 257 12.10 -17.21 -2.54
CA PHE A 257 12.15 -15.80 -2.03
C PHE A 257 13.60 -15.27 -2.09
N HIS A 258 14.60 -16.17 -2.17
CA HIS A 258 16.01 -15.79 -2.43
C HIS A 258 16.14 -15.10 -3.81
N LEU A 259 15.39 -15.57 -4.81
CA LEU A 259 15.34 -14.93 -6.15
C LEU A 259 14.82 -13.47 -6.01
N PHE A 260 13.80 -13.27 -5.18
CA PHE A 260 13.18 -11.93 -4.90
C PHE A 260 14.26 -11.03 -4.25
N LEU A 261 14.82 -11.48 -3.13
CA LEU A 261 15.84 -10.76 -2.36
C LEU A 261 16.98 -10.35 -3.30
N ASP A 262 17.61 -11.33 -3.96
CA ASP A 262 18.82 -11.11 -4.81
C ASP A 262 18.47 -10.10 -5.89
N HIS A 263 17.26 -10.19 -6.47
CA HIS A 263 16.83 -9.25 -7.52
C HIS A 263 16.80 -7.83 -6.98
N ILE A 264 16.02 -7.58 -5.94
CA ILE A 264 15.80 -6.19 -5.50
C ILE A 264 17.12 -5.64 -4.92
N ALA A 265 17.98 -6.50 -4.35
CA ALA A 265 19.34 -6.14 -3.88
C ALA A 265 20.16 -5.59 -5.04
N SER A 266 19.92 -6.07 -6.26
CA SER A 266 20.75 -5.78 -7.45
C SER A 266 20.29 -4.46 -8.07
N LEU A 267 19.12 -3.94 -7.68
CA LEU A 267 18.48 -2.79 -8.34
C LEU A 267 19.09 -1.50 -7.79
N ASP A 268 18.98 -0.41 -8.52
CA ASP A 268 19.33 0.94 -8.06
C ASP A 268 18.20 1.88 -8.52
N TYR A 269 18.30 3.16 -8.16
CA TYR A 269 17.26 4.19 -8.45
C TYR A 269 16.88 4.17 -9.95
N PHE A 270 17.85 3.95 -10.82
CA PHE A 270 17.69 4.12 -12.29
C PHE A 270 17.03 2.89 -12.98
N THR A 271 17.06 1.71 -12.36
CA THR A 271 16.80 0.41 -13.07
CA THR A 271 16.80 0.40 -13.06
C THR A 271 15.35 -0.03 -12.85
N LYS A 272 14.65 -0.31 -13.95
CA LYS A 272 13.27 -0.86 -13.91
C LYS A 272 13.29 -2.25 -13.25
N PRO A 273 12.46 -2.53 -12.24
CA PRO A 273 12.42 -3.86 -11.64
C PRO A 273 11.92 -4.90 -12.64
N ASP A 274 12.33 -6.15 -12.44
CA ASP A 274 11.72 -7.31 -13.12
C ASP A 274 10.53 -7.78 -12.28
N TYR A 275 9.36 -7.15 -12.49
CA TYR A 275 8.08 -7.48 -11.83
C TYR A 275 7.71 -8.94 -12.10
N GLN A 276 7.86 -9.42 -13.34
CA GLN A 276 7.49 -10.81 -13.70
C GLN A 276 8.33 -11.81 -12.88
N LEU A 277 9.61 -11.52 -12.68
CA LEU A 277 10.52 -12.37 -11.88
C LEU A 277 9.91 -12.52 -10.50
N ILE A 278 9.47 -11.41 -9.88
CA ILE A 278 8.91 -11.45 -8.51
C ILE A 278 7.57 -12.20 -8.56
N MET A 279 6.75 -11.95 -9.58
CA MET A 279 5.42 -12.62 -9.71
C MET A 279 5.65 -14.13 -9.79
N SER A 280 6.64 -14.59 -10.56
CA SER A 280 6.94 -16.03 -10.77
CA SER A 280 6.96 -16.03 -10.78
C SER A 280 7.37 -16.67 -9.43
N VAL A 281 8.01 -15.91 -8.57
CA VAL A 281 8.44 -16.37 -7.21
C VAL A 281 7.20 -16.78 -6.41
N PHE A 282 6.21 -15.89 -6.36
CA PHE A 282 4.91 -16.13 -5.69
C PHE A 282 4.22 -17.33 -6.34
N GLU A 283 4.19 -17.33 -7.67
CA GLU A 283 3.45 -18.34 -8.49
C GLU A 283 4.10 -19.72 -8.31
N ASN A 284 5.44 -19.79 -8.34
CA ASN A 284 6.21 -21.05 -8.17
C ASN A 284 6.03 -21.55 -6.73
N SER A 285 6.05 -20.64 -5.76
CA SER A 285 5.88 -20.94 -4.32
C SER A 285 4.48 -21.55 -4.08
N MET A 286 3.45 -21.01 -4.74
CA MET A 286 2.08 -21.58 -4.66
C MET A 286 2.06 -22.97 -5.30
N LYS A 287 2.59 -23.09 -6.52
CA LYS A 287 2.53 -24.33 -7.30
C LYS A 287 3.29 -25.44 -6.56
N GLU A 288 4.43 -25.15 -5.93
CA GLU A 288 5.25 -26.15 -5.18
C GLU A 288 4.44 -26.77 -4.04
N ARG A 289 3.59 -25.99 -3.41
CA ARG A 289 2.83 -26.43 -2.20
C ARG A 289 1.37 -26.74 -2.58
N GLY A 290 1.04 -26.86 -3.86
CA GLY A 290 -0.32 -27.15 -4.35
C GLY A 290 -1.31 -26.08 -3.91
N ILE A 291 -0.90 -24.81 -3.81
CA ILE A 291 -1.81 -23.72 -3.40
C ILE A 291 -2.58 -23.23 -4.62
N ALA A 292 -3.90 -23.37 -4.57
CA ALA A 292 -4.87 -22.91 -5.59
C ALA A 292 -5.19 -21.44 -5.35
N GLU A 293 -5.50 -20.72 -6.44
CA GLU A 293 -5.82 -19.27 -6.42
C GLU A 293 -7.17 -19.05 -5.69
N ASN A 294 -8.14 -19.94 -5.84
CA ASN A 294 -9.53 -19.70 -5.35
C ASN A 294 -9.71 -20.28 -3.93
N GLU A 295 -8.63 -20.38 -3.14
CA GLU A 295 -8.70 -20.78 -1.72
C GLU A 295 -9.31 -19.62 -0.89
N ALA A 296 -9.99 -19.94 0.20
CA ALA A 296 -10.43 -18.95 1.22
C ALA A 296 -9.20 -18.21 1.78
N PHE A 297 -9.30 -16.89 1.99
CA PHE A 297 -8.35 -16.12 2.81
C PHE A 297 -8.56 -16.47 4.29
N ASP A 298 -7.51 -16.37 5.11
CA ASP A 298 -7.50 -16.92 6.50
C ASP A 298 -8.70 -16.36 7.29
N TRP A 299 -9.11 -15.12 7.02
CA TRP A 299 -10.12 -14.38 7.82
C TRP A 299 -11.57 -14.76 7.41
N GLU A 300 -11.77 -15.51 6.32
CA GLU A 300 -13.12 -15.90 5.84
C GLU A 300 -13.61 -17.05 6.71
N LYS A 301 -14.91 -17.31 6.73
CA LYS A 301 -15.54 -18.41 7.51
C LYS A 301 -14.87 -19.75 7.19
N ALA A 302 -14.65 -20.09 5.91
CA ALA A 302 -13.88 -21.30 5.50
C ALA A 302 -12.42 -21.19 5.99
N GLY A 303 -11.83 -19.99 5.94
CA GLY A 303 -10.44 -19.71 6.35
C GLY A 303 -10.25 -19.78 7.86
N THR A 304 -11.21 -19.23 8.62
CA THR A 304 -11.22 -19.20 10.11
C THR A 304 -11.78 -20.52 10.66
N ASP A 305 -12.14 -21.48 9.79
CA ASP A 305 -12.76 -22.79 10.16
C ASP A 305 -11.95 -23.96 9.54
N ALA A 306 -12.52 -24.67 8.55
CA ALA A 306 -11.98 -25.92 7.94
C ALA A 306 -10.75 -25.58 7.08
P PO4 B . 9.46 14.76 -0.83
O1 PO4 B . 10.06 16.06 -1.38
O2 PO4 B . 9.43 14.83 0.69
O3 PO4 B . 10.33 13.57 -1.25
O4 PO4 B . 8.06 14.59 -1.38
C1 EDO C . 13.00 5.38 -11.43
O1 EDO C . 14.07 4.96 -12.26
C2 EDO C . 12.91 4.66 -10.12
O2 EDO C . 13.19 3.26 -10.20
C1 EDO D . 11.24 3.10 -17.28
O1 EDO D . 12.37 2.55 -16.62
C2 EDO D . 11.58 4.21 -18.19
O2 EDO D . 10.87 5.41 -17.89
C1 EDO E . 1.22 -2.38 -14.97
O1 EDO E . -0.12 -1.95 -14.96
C2 EDO E . 1.57 -3.13 -16.19
O2 EDO E . 1.72 -2.30 -17.32
C1 EDO F . 0.84 8.27 2.67
O1 EDO F . 0.26 9.05 3.72
C2 EDO F . 0.77 6.79 2.86
O2 EDO F . 1.05 6.32 4.20
N1 IQR G . -12.20 2.65 1.82
C2 IQR G . -7.09 9.20 -2.49
N3 IQR G . -10.39 4.24 1.91
C4 IQR G . -6.56 7.34 0.45
C5 IQR G . -6.83 6.86 1.77
C6 IQR G . -5.98 7.23 2.82
O IQR G . -4.77 8.77 -2.02
C1 IQR G . -6.07 8.16 -2.04
C IQR G . -6.02 6.97 -3.00
C3 IQR G . -6.39 7.70 -0.67
C16 IQR G . -7.93 6.03 2.00
C15 IQR G . -8.18 5.56 3.31
C8 IQR G . -7.31 5.95 4.33
C7 IQR G . -6.22 6.78 4.11
C10 IQR G . -9.13 4.63 3.89
C9 IQR G . -8.76 4.49 5.19
N IQR G . -7.68 5.29 5.47
C11 IQR G . -10.25 3.98 3.22
C14 IQR G . -11.37 3.56 1.27
N2 IQR G . -11.53 3.82 -0.04
C13 IQR G . -12.04 2.44 3.14
C12 IQR G . -11.09 3.09 3.90
#